data_3GZ4
#
_entry.id   3GZ4
#
_cell.length_a   43.794
_cell.length_b   130.511
_cell.length_c   47.934
_cell.angle_alpha   90.000
_cell.angle_beta   115.060
_cell.angle_gamma   90.000
#
_symmetry.space_group_name_H-M   'P 1 21 1'
#
loop_
_entity.id
_entity.type
_entity.pdbx_description
1 polymer 'Hypothetical oxidoreductase yciK'
2 non-polymer 'NADPH DIHYDRO-NICOTINAMIDE-ADENINE-DINUCLEOTIDE PHOSPHATE'
3 water water
#
_entity_poly.entity_id   1
_entity_poly.type   'polypeptide(L)'
_entity_poly.pdbx_seq_one_letter_code
;MSLHYQPKQDLLNDRIILVTGASDGIGREAAMTYARYGATVILLGRNEEKLRQVASHINEETGRQPQWFILDLLTCTSED
CQQLAQRIAVNYPRLDGVLHNAGLLGDVCPMSEQDPQVWQDVMQVNVNATFMLTQALLPLLLKSDAGSLVFTSSSVGRQG
RANWGAYAASKFATEGMMQVLADEYQQRLRVNCINPGGTRTAMRASAFPTEDPQKLKTPADIMPLYLWLMGDDSRRKTGM
TFDAQPGRKPGISQEGHHHHHH
;
_entity_poly.pdbx_strand_id   A,B
#
loop_
_chem_comp.id
_chem_comp.type
_chem_comp.name
_chem_comp.formula
NDP non-polymer 'NADPH DIHYDRO-NICOTINAMIDE-ADENINE-DINUCLEOTIDE PHOSPHATE' 'C21 H30 N7 O17 P3'
#
# COMPACT_ATOMS: atom_id res chain seq x y z
N GLN A 6 14.54 28.50 -6.31
CA GLN A 6 15.86 27.87 -6.02
C GLN A 6 16.97 28.16 -7.09
N PRO A 7 17.09 27.30 -8.12
CA PRO A 7 18.39 26.95 -8.73
C PRO A 7 19.03 27.80 -9.84
N LYS A 8 19.78 27.10 -10.69
CA LYS A 8 20.59 27.65 -11.79
C LYS A 8 20.63 26.65 -12.96
N GLN A 9 20.93 27.15 -14.17
CA GLN A 9 20.57 26.44 -15.40
C GLN A 9 21.62 25.48 -15.93
N ASP A 10 22.69 25.29 -15.16
CA ASP A 10 23.64 24.23 -15.49
C ASP A 10 23.59 23.15 -14.42
N LEU A 11 22.69 23.33 -13.45
CA LEU A 11 22.55 22.45 -12.27
C LEU A 11 22.56 20.99 -12.62
N LEU A 12 21.58 20.58 -13.44
CA LEU A 12 21.49 19.19 -13.85
C LEU A 12 22.37 18.86 -15.01
N ASN A 13 23.30 19.76 -15.35
CA ASN A 13 24.26 19.50 -16.43
C ASN A 13 24.87 18.09 -16.27
N ASP A 14 24.72 17.31 -17.34
CA ASP A 14 25.31 15.99 -17.46
C ASP A 14 24.95 15.02 -16.31
N ARG A 15 23.70 15.15 -15.88
CA ARG A 15 23.00 14.16 -15.08
C ARG A 15 22.02 13.45 -16.02
N ILE A 16 21.79 12.14 -15.83
CA ILE A 16 20.93 11.37 -16.74
C ILE A 16 19.68 10.88 -16.03
N ILE A 17 18.53 11.45 -16.40
CA ILE A 17 17.30 11.27 -15.66
C ILE A 17 16.17 10.67 -16.51
N LEU A 18 15.58 9.60 -15.96
CA LEU A 18 14.47 8.90 -16.56
C LEU A 18 13.17 9.34 -15.87
N VAL A 19 12.15 9.62 -16.66
CA VAL A 19 10.88 10.13 -16.15
C VAL A 19 9.77 9.30 -16.72
N THR A 20 9.04 8.62 -15.85
CA THR A 20 7.81 7.91 -16.22
C THR A 20 6.61 8.84 -16.15
N GLY A 21 5.55 8.51 -16.89
CA GLY A 21 4.44 9.44 -17.06
C GLY A 21 4.87 10.72 -17.75
N ALA A 22 5.87 10.59 -18.62
CA ALA A 22 6.51 11.68 -19.37
C ALA A 22 5.58 12.34 -20.38
N SER A 23 4.53 11.62 -20.78
CA SER A 23 3.69 12.04 -21.92
C SER A 23 2.54 13.01 -21.60
N ASP A 24 2.49 13.55 -20.39
CA ASP A 24 1.38 14.44 -19.98
C ASP A 24 1.50 14.82 -18.53
N GLY A 25 0.88 15.94 -18.19
CA GLY A 25 0.73 16.38 -16.81
C GLY A 25 2.07 16.69 -16.19
N ILE A 26 2.30 16.17 -14.99
CA ILE A 26 3.49 16.53 -14.21
C ILE A 26 4.83 15.90 -14.68
N GLY A 27 4.79 14.72 -15.29
CA GLY A 27 6.01 14.10 -15.86
C GLY A 27 6.48 14.77 -17.14
N ARG A 28 5.54 15.19 -17.97
CA ARG A 28 5.85 15.91 -19.19
C ARG A 28 6.72 17.09 -18.86
N GLU A 29 6.34 17.78 -17.79
CA GLU A 29 6.92 19.04 -17.39
C GLU A 29 8.27 18.85 -16.73
N ALA A 30 8.36 17.83 -15.86
CA ALA A 30 9.64 17.45 -15.28
C ALA A 30 10.65 17.12 -16.38
N ALA A 31 10.29 16.18 -17.25
CA ALA A 31 11.10 15.87 -18.44
C ALA A 31 11.53 17.14 -19.21
N MET A 32 10.58 18.01 -19.50
CA MET A 32 10.87 19.24 -20.24
C MET A 32 11.82 20.12 -19.43
N THR A 33 11.52 20.24 -18.15
CA THR A 33 12.26 21.10 -17.22
C THR A 33 13.67 20.57 -16.97
N TYR A 34 13.79 19.31 -16.55
CA TYR A 34 15.11 18.71 -16.42
C TYR A 34 15.95 19.04 -17.63
N ALA A 35 15.42 18.79 -18.83
CA ALA A 35 16.20 18.96 -20.08
C ALA A 35 16.71 20.37 -20.32
N ARG A 36 16.00 21.37 -19.79
CA ARG A 36 16.33 22.79 -19.99
C ARG A 36 17.37 23.18 -18.96
N TYR A 37 17.57 22.29 -18.01
CA TYR A 37 18.59 22.53 -17.01
C TYR A 37 19.79 21.62 -17.27
N GLY A 38 19.91 21.15 -18.51
CA GLY A 38 21.05 20.36 -18.96
C GLY A 38 20.93 18.85 -18.90
N ALA A 39 19.92 18.31 -18.21
CA ALA A 39 19.73 16.86 -18.13
C ALA A 39 19.62 16.14 -19.47
N THR A 40 20.10 14.90 -19.51
CA THR A 40 19.78 14.00 -20.59
C THR A 40 18.61 13.18 -20.12
N VAL A 41 17.46 13.34 -20.77
CA VAL A 41 16.28 12.74 -20.20
C VAL A 41 15.81 11.48 -20.93
N ILE A 42 15.32 10.52 -20.15
CA ILE A 42 14.66 9.37 -20.72
C ILE A 42 13.17 9.46 -20.39
N LEU A 43 12.35 9.45 -21.43
CA LEU A 43 10.93 9.55 -21.26
C LEU A 43 10.35 8.17 -21.34
N LEU A 44 9.56 7.84 -20.32
CA LEU A 44 8.80 6.62 -20.35
C LEU A 44 7.32 6.92 -20.27
N GLY A 45 6.54 6.11 -20.96
CA GLY A 45 5.09 6.21 -20.95
C GLY A 45 4.54 5.03 -21.67
N ARG A 46 3.28 5.08 -22.04
CA ARG A 46 2.67 3.97 -22.75
C ARG A 46 2.06 4.40 -24.10
N ASN A 47 2.20 5.67 -24.47
CA ASN A 47 1.49 6.19 -25.67
C ASN A 47 2.53 6.79 -26.56
N GLU A 48 2.81 6.10 -27.66
CA GLU A 48 3.90 6.45 -28.57
C GLU A 48 3.78 7.88 -29.09
N GLU A 49 2.59 8.21 -29.60
CA GLU A 49 2.34 9.53 -30.19
C GLU A 49 2.48 10.65 -29.18
N LYS A 50 1.83 10.53 -28.03
CA LYS A 50 2.04 11.45 -26.92
C LYS A 50 3.54 11.63 -26.63
N LEU A 51 4.27 10.51 -26.61
CA LEU A 51 5.72 10.50 -26.35
C LEU A 51 6.54 11.12 -27.49
N ARG A 52 6.21 10.77 -28.74
CA ARG A 52 6.82 11.41 -29.90
C ARG A 52 6.74 12.92 -29.80
N GLN A 53 5.55 13.42 -29.44
CA GLN A 53 5.31 14.84 -29.32
C GLN A 53 6.16 15.49 -28.24
N VAL A 54 6.17 14.93 -27.04
CA VAL A 54 7.00 15.51 -25.96
C VAL A 54 8.50 15.57 -26.36
N ALA A 55 8.99 14.51 -26.98
CA ALA A 55 10.40 14.45 -27.41
C ALA A 55 10.73 15.59 -28.40
N SER A 56 9.93 15.65 -29.46
CA SER A 56 9.96 16.74 -30.44
C SER A 56 9.95 18.16 -29.79
N HIS A 57 9.08 18.35 -28.80
N HIS A 57 9.08 18.35 -28.79
CA HIS A 57 8.96 19.64 -28.12
CA HIS A 57 8.96 19.64 -28.10
C HIS A 57 10.21 19.98 -27.31
C HIS A 57 10.25 19.97 -27.36
N ILE A 58 10.77 18.98 -26.63
CA ILE A 58 12.01 19.14 -25.86
C ILE A 58 13.21 19.34 -26.78
N ASN A 59 13.21 18.70 -27.94
CA ASN A 59 14.20 19.01 -28.98
C ASN A 59 14.21 20.48 -29.33
N GLU A 60 13.07 20.97 -29.81
CA GLU A 60 12.97 22.33 -30.34
C GLU A 60 13.31 23.35 -29.27
N GLU A 61 13.21 22.94 -28.00
CA GLU A 61 13.57 23.83 -26.91
C GLU A 61 15.04 23.79 -26.52
N THR A 62 15.65 22.60 -26.59
CA THR A 62 17.03 22.39 -26.11
C THR A 62 18.03 22.08 -27.21
N GLY A 63 17.57 21.41 -28.27
CA GLY A 63 18.47 20.97 -29.33
C GLY A 63 19.02 19.59 -29.03
N ARG A 64 18.65 19.04 -27.88
CA ARG A 64 18.90 17.64 -27.59
C ARG A 64 17.53 16.99 -27.61
N GLN A 65 17.37 15.95 -28.43
CA GLN A 65 16.14 15.18 -28.46
C GLN A 65 16.24 13.96 -27.55
N PRO A 66 15.28 13.81 -26.60
CA PRO A 66 15.25 12.63 -25.73
C PRO A 66 14.90 11.34 -26.45
N GLN A 67 15.25 10.22 -25.83
CA GLN A 67 14.75 8.94 -26.27
C GLN A 67 13.54 8.62 -25.40
N TRP A 68 12.55 7.96 -25.98
CA TRP A 68 11.39 7.51 -25.22
C TRP A 68 11.22 6.00 -25.37
N PHE A 69 10.61 5.38 -24.36
CA PHE A 69 10.40 3.91 -24.31
C PHE A 69 8.99 3.61 -23.85
N ILE A 70 8.42 2.51 -24.36
CA ILE A 70 7.07 2.07 -23.98
C ILE A 70 7.06 1.00 -22.87
N LEU A 71 6.43 1.31 -21.74
CA LEU A 71 6.07 0.27 -20.78
C LEU A 71 4.67 0.51 -20.22
N ASP A 72 3.76 -0.40 -20.53
CA ASP A 72 2.43 -0.35 -19.93
C ASP A 72 2.43 -0.98 -18.55
N LEU A 73 2.49 -0.12 -17.52
CA LEU A 73 2.62 -0.56 -16.11
C LEU A 73 1.39 -1.27 -15.58
N LEU A 74 0.36 -1.40 -16.42
CA LEU A 74 -0.78 -2.20 -16.07
C LEU A 74 -0.54 -3.64 -16.49
N THR A 75 0.25 -3.82 -17.55
CA THR A 75 0.42 -5.13 -18.15
C THR A 75 1.83 -5.70 -18.08
N CYS A 76 2.81 -4.91 -17.70
CA CYS A 76 4.18 -5.40 -17.71
C CYS A 76 4.50 -6.56 -16.74
N THR A 77 5.50 -7.36 -17.12
CA THR A 77 5.97 -8.45 -16.31
C THR A 77 7.38 -8.07 -15.83
N SER A 78 7.88 -8.78 -14.83
CA SER A 78 9.25 -8.62 -14.37
C SER A 78 10.25 -8.68 -15.54
N GLU A 79 10.01 -9.61 -16.44
CA GLU A 79 10.82 -9.74 -17.66
C GLU A 79 10.80 -8.45 -18.47
N ASP A 80 9.61 -7.98 -18.83
CA ASP A 80 9.44 -6.73 -19.62
C ASP A 80 10.27 -5.58 -19.09
N CYS A 81 10.29 -5.42 -17.77
CA CYS A 81 11.08 -4.36 -17.15
C CYS A 81 12.59 -4.66 -17.18
N GLN A 82 13.00 -5.93 -17.03
CA GLN A 82 14.43 -6.27 -17.09
C GLN A 82 14.97 -6.00 -18.49
N GLN A 83 14.22 -6.44 -19.49
CA GLN A 83 14.52 -6.12 -20.88
C GLN A 83 14.77 -4.63 -21.05
N LEU A 84 13.76 -3.82 -20.71
CA LEU A 84 13.86 -2.36 -20.85
C LEU A 84 15.17 -1.83 -20.28
N ALA A 85 15.47 -2.25 -19.05
CA ALA A 85 16.65 -1.85 -18.32
C ALA A 85 17.95 -2.24 -19.05
N GLN A 86 17.92 -3.38 -19.72
CA GLN A 86 19.02 -3.81 -20.57
C GLN A 86 19.13 -2.86 -21.76
N ARG A 87 17.97 -2.55 -22.36
CA ARG A 87 17.86 -1.55 -23.41
C ARG A 87 18.47 -0.22 -22.98
N ILE A 88 18.11 0.24 -21.78
CA ILE A 88 18.68 1.49 -21.25
C ILE A 88 20.19 1.37 -21.04
N ALA A 89 20.62 0.24 -20.46
CA ALA A 89 22.03 0.01 -20.10
C ALA A 89 22.95 0.06 -21.31
N VAL A 90 22.39 -0.27 -22.47
CA VAL A 90 23.15 -0.25 -23.73
C VAL A 90 23.56 1.17 -24.18
N ASN A 91 22.64 2.12 -24.19
CA ASN A 91 22.98 3.48 -24.62
C ASN A 91 23.50 4.33 -23.48
N TYR A 92 23.35 3.79 -22.26
CA TYR A 92 23.50 4.61 -21.06
C TYR A 92 24.43 4.02 -20.01
N PRO A 93 25.24 4.89 -19.36
CA PRO A 93 26.29 4.44 -18.47
C PRO A 93 25.91 4.57 -17.00
N ARG A 94 24.65 4.88 -16.73
CA ARG A 94 24.15 5.05 -15.38
C ARG A 94 22.75 5.66 -15.40
N LEU A 95 22.26 6.00 -14.21
CA LEU A 95 21.11 6.85 -14.05
C LEU A 95 21.43 7.64 -12.82
N ASP A 96 21.54 8.94 -12.99
CA ASP A 96 21.77 9.82 -11.86
C ASP A 96 20.46 10.09 -11.15
N GLY A 97 19.37 9.61 -11.75
CA GLY A 97 18.03 9.94 -11.29
C GLY A 97 16.86 9.25 -11.97
N VAL A 98 15.84 8.94 -11.17
CA VAL A 98 14.62 8.30 -11.64
C VAL A 98 13.44 8.98 -10.97
N LEU A 99 12.53 9.48 -11.81
CA LEU A 99 11.26 10.03 -11.32
C LEU A 99 10.16 9.08 -11.74
N HIS A 100 9.60 8.44 -10.73
CA HIS A 100 8.47 7.59 -10.86
C HIS A 100 7.28 8.52 -10.72
N ASN A 101 6.72 8.94 -11.85
CA ASN A 101 5.66 9.92 -11.82
C ASN A 101 4.37 9.25 -12.18
N ALA A 102 4.45 8.24 -13.03
CA ALA A 102 3.29 7.55 -13.56
C ALA A 102 2.34 7.11 -12.45
N GLY A 103 1.04 7.29 -12.71
CA GLY A 103 0.03 7.04 -11.71
C GLY A 103 -1.34 6.80 -12.34
N LEU A 104 -2.15 6.05 -11.62
CA LEU A 104 -3.50 5.75 -12.02
C LEU A 104 -4.43 6.10 -10.86
N LEU A 105 -5.43 6.94 -11.12
CA LEU A 105 -6.38 7.39 -10.12
C LEU A 105 -7.41 6.33 -9.78
N GLY A 106 -8.05 5.76 -10.80
CA GLY A 106 -9.11 4.81 -10.53
C GLY A 106 -10.37 5.51 -10.04
N ASP A 107 -11.20 4.78 -9.31
CA ASP A 107 -12.49 5.31 -8.87
C ASP A 107 -12.36 6.12 -7.60
N VAL A 108 -12.86 7.35 -7.62
CA VAL A 108 -13.09 8.13 -6.41
C VAL A 108 -14.56 7.93 -6.00
N CYS A 109 -14.76 7.13 -4.95
CA CYS A 109 -16.09 6.83 -4.46
C CYS A 109 -16.09 5.99 -3.18
N PRO A 110 -17.22 6.03 -2.42
CA PRO A 110 -17.37 5.20 -1.23
C PRO A 110 -16.70 3.83 -1.37
N MET A 111 -16.03 3.37 -0.31
CA MET A 111 -15.37 2.06 -0.31
C MET A 111 -16.34 0.94 -0.61
N SER A 112 -17.61 1.16 -0.25
CA SER A 112 -18.73 0.32 -0.66
C SER A 112 -18.91 0.21 -2.17
N GLU A 113 -18.42 1.20 -2.91
CA GLU A 113 -18.71 1.25 -4.34
C GLU A 113 -17.52 1.01 -5.28
N GLN A 114 -16.31 1.22 -4.78
CA GLN A 114 -15.06 0.92 -5.48
C GLN A 114 -15.18 -0.35 -6.29
N ASP A 115 -14.84 -0.31 -7.58
CA ASP A 115 -14.80 -1.51 -8.41
C ASP A 115 -13.55 -2.30 -8.08
N PRO A 116 -13.70 -3.63 -7.85
CA PRO A 116 -12.59 -4.53 -7.52
C PRO A 116 -11.53 -4.61 -8.63
N GLN A 117 -11.94 -4.60 -9.90
CA GLN A 117 -10.95 -4.64 -10.96
C GLN A 117 -10.21 -3.33 -11.02
N VAL A 118 -10.93 -2.20 -10.97
CA VAL A 118 -10.24 -0.90 -10.91
C VAL A 118 -9.26 -0.80 -9.71
N TRP A 119 -9.73 -1.19 -8.52
CA TRP A 119 -8.85 -1.32 -7.36
C TRP A 119 -7.53 -2.06 -7.68
N GLN A 120 -7.63 -3.20 -8.35
CA GLN A 120 -6.47 -4.02 -8.67
C GLN A 120 -5.61 -3.43 -9.78
N ASP A 121 -6.24 -2.75 -10.74
CA ASP A 121 -5.49 -1.97 -11.73
C ASP A 121 -4.65 -0.88 -11.09
N VAL A 122 -5.17 -0.23 -10.06
CA VAL A 122 -4.48 0.92 -9.42
C VAL A 122 -3.26 0.51 -8.62
N MET A 123 -3.36 -0.67 -8.01
CA MET A 123 -2.30 -1.16 -7.13
C MET A 123 -1.18 -1.69 -8.00
N GLN A 124 -1.57 -2.22 -9.16
CA GLN A 124 -0.67 -2.76 -10.18
C GLN A 124 0.16 -1.68 -10.85
N VAL A 125 -0.48 -0.64 -11.37
CA VAL A 125 0.29 0.47 -11.90
C VAL A 125 1.13 1.07 -10.78
N ASN A 126 0.45 1.43 -9.67
CA ASN A 126 1.04 2.32 -8.69
C ASN A 126 2.00 1.66 -7.71
N VAL A 127 1.76 0.41 -7.37
CA VAL A 127 2.65 -0.26 -6.42
C VAL A 127 3.55 -1.30 -7.11
N ASN A 128 2.95 -2.27 -7.80
CA ASN A 128 3.65 -3.47 -8.28
C ASN A 128 4.57 -3.32 -9.49
N ALA A 129 4.09 -2.55 -10.48
CA ALA A 129 4.86 -2.27 -11.68
C ALA A 129 5.94 -1.27 -11.38
N THR A 130 5.61 -0.34 -10.48
CA THR A 130 6.54 0.66 -10.00
C THR A 130 7.61 -0.02 -9.14
N PHE A 131 7.18 -1.03 -8.38
CA PHE A 131 8.09 -1.91 -7.69
C PHE A 131 9.01 -2.61 -8.69
N MET A 132 8.42 -3.34 -9.64
CA MET A 132 9.20 -4.16 -10.58
C MET A 132 10.11 -3.27 -11.42
N LEU A 133 9.63 -2.08 -11.77
CA LEU A 133 10.43 -1.14 -12.54
C LEU A 133 11.61 -0.61 -11.74
N THR A 134 11.36 -0.21 -10.50
CA THR A 134 12.42 0.27 -9.62
C THR A 134 13.52 -0.78 -9.53
N GLN A 135 13.10 -2.02 -9.35
CA GLN A 135 14.01 -3.14 -9.18
C GLN A 135 14.93 -3.29 -10.41
N ALA A 136 14.36 -3.27 -11.61
CA ALA A 136 15.13 -3.41 -12.86
C ALA A 136 16.12 -2.28 -13.14
N LEU A 137 16.02 -1.17 -12.42
CA LEU A 137 16.83 0.01 -12.71
C LEU A 137 17.80 0.38 -11.60
N LEU A 138 17.75 -0.37 -10.51
CA LEU A 138 18.53 -0.01 -9.34
C LEU A 138 20.02 -0.19 -9.62
N PRO A 139 20.41 -1.22 -10.39
CA PRO A 139 21.84 -1.32 -10.79
C PRO A 139 22.40 -0.08 -11.52
N LEU A 140 21.74 0.35 -12.61
CA LEU A 140 22.16 1.58 -13.30
C LEU A 140 22.21 2.78 -12.37
N LEU A 141 21.29 2.85 -11.42
CA LEU A 141 21.27 3.97 -10.48
C LEU A 141 22.48 3.93 -9.55
N LEU A 142 22.84 2.70 -9.15
CA LEU A 142 23.99 2.45 -8.29
C LEU A 142 25.28 2.98 -8.92
N LYS A 143 25.32 2.95 -10.26
CA LYS A 143 26.45 3.50 -11.05
C LYS A 143 26.61 5.03 -11.04
N SER A 144 25.67 5.76 -10.45
CA SER A 144 25.81 7.22 -10.35
C SER A 144 26.67 7.55 -9.14
N ASP A 145 27.25 8.76 -9.12
CA ASP A 145 28.02 9.15 -7.94
C ASP A 145 27.10 9.58 -6.79
N ALA A 146 25.92 10.11 -7.15
CA ALA A 146 24.91 10.54 -6.20
C ALA A 146 23.47 10.37 -6.73
N GLY A 147 23.22 9.26 -7.43
CA GLY A 147 21.89 8.92 -7.95
C GLY A 147 20.72 9.30 -7.07
N SER A 148 19.60 9.69 -7.70
CA SER A 148 18.38 10.12 -7.01
C SER A 148 17.16 9.33 -7.49
N LEU A 149 16.49 8.68 -6.53
CA LEU A 149 15.22 7.99 -6.78
C LEU A 149 14.12 8.76 -6.06
N VAL A 150 13.12 9.17 -6.84
CA VAL A 150 12.01 9.99 -6.35
C VAL A 150 10.75 9.25 -6.72
N PHE A 151 9.88 9.09 -5.72
CA PHE A 151 8.51 8.67 -5.93
C PHE A 151 7.63 9.85 -5.78
N THR A 152 6.39 9.66 -6.25
CA THR A 152 5.37 10.68 -6.15
C THR A 152 4.29 10.15 -5.25
N SER A 153 3.97 10.91 -4.22
CA SER A 153 2.89 10.52 -3.32
C SER A 153 1.73 11.49 -3.54
N SER A 154 0.84 11.52 -2.57
CA SER A 154 -0.27 12.46 -2.54
C SER A 154 -0.47 12.59 -1.07
N SER A 155 -1.10 13.68 -0.64
CA SER A 155 -1.39 13.92 0.76
C SER A 155 -2.25 12.82 1.36
N VAL A 156 -3.00 12.10 0.52
CA VAL A 156 -3.75 10.93 0.97
C VAL A 156 -2.92 9.64 0.98
N GLY A 157 -1.63 9.79 0.67
CA GLY A 157 -0.67 8.74 0.94
C GLY A 157 -0.08 8.86 2.33
N ARG A 158 -0.40 9.95 3.02
CA ARG A 158 0.04 10.21 4.39
C ARG A 158 -1.14 10.20 5.36
N GLN A 159 -2.34 10.40 4.80
CA GLN A 159 -3.55 10.49 5.60
C GLN A 159 -4.76 10.17 4.73
N GLY A 160 -5.26 8.94 4.83
CA GLY A 160 -6.40 8.48 4.04
C GLY A 160 -7.63 9.31 4.33
N ARG A 161 -8.42 9.64 3.29
CA ARG A 161 -9.66 10.39 3.51
C ARG A 161 -10.85 9.75 2.75
N ALA A 162 -12.05 10.25 2.94
CA ALA A 162 -13.19 9.56 2.38
C ALA A 162 -13.05 9.50 0.87
N ASN A 163 -13.38 8.37 0.27
CA ASN A 163 -13.62 8.31 -1.17
C ASN A 163 -12.38 8.14 -2.02
N TRP A 164 -11.20 8.10 -1.40
CA TRP A 164 -9.97 7.93 -2.16
C TRP A 164 -9.55 6.47 -2.45
N GLY A 165 -10.24 5.51 -1.82
CA GLY A 165 -10.09 4.09 -2.09
C GLY A 165 -8.73 3.53 -2.47
N ALA A 166 -8.62 2.97 -3.68
CA ALA A 166 -7.37 2.35 -4.17
C ALA A 166 -6.18 3.29 -4.20
N TYR A 167 -6.41 4.55 -4.60
CA TYR A 167 -5.32 5.51 -4.77
C TYR A 167 -4.72 5.93 -3.44
N ALA A 168 -5.56 6.10 -2.41
CA ALA A 168 -4.99 6.37 -1.08
C ALA A 168 -4.24 5.14 -0.57
N ALA A 169 -4.83 3.98 -0.75
CA ALA A 169 -4.16 2.74 -0.38
C ALA A 169 -2.83 2.62 -1.10
N SER A 170 -2.80 3.01 -2.38
CA SER A 170 -1.62 2.80 -3.24
C SER A 170 -0.49 3.75 -2.93
N LYS A 171 -0.85 4.94 -2.46
CA LYS A 171 0.09 5.98 -2.08
C LYS A 171 0.73 5.81 -0.71
N PHE A 172 -0.02 5.29 0.26
CA PHE A 172 0.57 4.78 1.49
C PHE A 172 1.57 3.72 1.11
N ALA A 173 1.18 2.75 0.28
CA ALA A 173 2.10 1.68 -0.12
C ALA A 173 3.34 2.21 -0.83
N THR A 174 3.21 3.42 -1.34
CA THR A 174 4.27 4.12 -2.03
C THR A 174 5.22 4.78 -1.02
N GLU A 175 4.66 5.45 -0.03
CA GLU A 175 5.48 6.03 1.01
C GLU A 175 6.24 4.88 1.71
N GLY A 176 5.50 3.87 2.15
CA GLY A 176 6.10 2.63 2.62
C GLY A 176 7.24 2.09 1.78
N MET A 177 6.99 1.87 0.50
CA MET A 177 8.01 1.35 -0.40
C MET A 177 9.25 2.23 -0.29
N MET A 178 9.11 3.53 -0.53
CA MET A 178 10.20 4.50 -0.45
C MET A 178 11.05 4.37 0.83
N GLN A 179 10.38 4.17 1.97
CA GLN A 179 11.10 4.13 3.24
C GLN A 179 12.01 2.90 3.37
N VAL A 180 11.56 1.78 2.79
CA VAL A 180 12.32 0.55 2.75
C VAL A 180 13.59 0.80 1.95
N LEU A 181 13.45 0.95 0.63
CA LEU A 181 14.53 1.43 -0.23
C LEU A 181 15.41 2.49 0.40
N ALA A 182 14.80 3.43 1.11
CA ALA A 182 15.55 4.52 1.73
C ALA A 182 16.47 3.95 2.81
N ASP A 183 15.95 2.94 3.51
CA ASP A 183 16.67 2.25 4.57
C ASP A 183 17.83 1.40 4.06
N GLU A 184 17.62 0.68 2.95
CA GLU A 184 18.66 -0.19 2.35
C GLU A 184 19.80 0.50 1.56
N TYR A 185 19.61 1.76 1.14
CA TYR A 185 20.56 2.48 0.26
C TYR A 185 21.08 3.76 0.88
N GLN A 186 21.01 3.82 2.21
CA GLN A 186 21.61 4.91 2.97
C GLN A 186 23.06 5.03 2.54
N GLN A 187 23.50 6.27 2.29
CA GLN A 187 24.84 6.53 1.77
C GLN A 187 25.17 5.93 0.39
N ARG A 188 24.21 5.22 -0.21
CA ARG A 188 24.33 4.71 -1.58
C ARG A 188 23.41 5.48 -2.56
N LEU A 189 22.12 5.62 -2.21
CA LEU A 189 21.17 6.38 -3.05
C LEU A 189 20.38 7.40 -2.27
N ARG A 190 19.99 8.49 -2.93
CA ARG A 190 18.96 9.35 -2.38
C ARG A 190 17.65 8.72 -2.80
N VAL A 191 16.75 8.49 -1.82
CA VAL A 191 15.44 7.90 -2.12
C VAL A 191 14.36 8.64 -1.32
N ASN A 192 13.62 9.50 -2.03
CA ASN A 192 12.63 10.38 -1.41
C ASN A 192 11.28 10.30 -2.14
N CYS A 193 10.31 11.05 -1.64
CA CYS A 193 9.00 11.16 -2.28
C CYS A 193 8.73 12.62 -2.49
N ILE A 194 7.99 12.94 -3.55
CA ILE A 194 7.36 14.26 -3.70
C ILE A 194 5.84 14.13 -3.52
N ASN A 195 5.27 15.02 -2.71
CA ASN A 195 3.83 15.29 -2.76
C ASN A 195 3.61 16.56 -3.60
N PRO A 196 3.09 16.41 -4.82
CA PRO A 196 2.95 17.56 -5.72
C PRO A 196 2.04 18.64 -5.15
N GLY A 197 1.00 18.23 -4.42
CA GLY A 197 -0.09 19.15 -4.04
C GLY A 197 -1.10 19.08 -5.19
N GLY A 198 -2.22 19.79 -5.09
CA GLY A 198 -3.15 19.86 -6.24
C GLY A 198 -2.51 20.66 -7.35
N THR A 199 -2.44 20.06 -8.54
CA THR A 199 -1.72 20.61 -9.71
C THR A 199 -2.65 20.55 -10.90
N ARG A 200 -2.54 21.55 -11.77
CA ARG A 200 -3.49 21.71 -12.88
C ARG A 200 -3.16 20.64 -13.89
N THR A 201 -3.78 19.47 -13.73
CA THR A 201 -3.57 18.38 -14.65
C THR A 201 -4.95 17.76 -14.83
N ALA A 202 -5.04 16.73 -15.66
CA ALA A 202 -6.31 16.06 -15.95
C ALA A 202 -6.76 15.03 -14.90
N MET A 203 -5.80 14.39 -14.25
CA MET A 203 -6.10 13.45 -13.14
C MET A 203 -6.82 14.25 -12.06
N ARG A 204 -6.26 15.41 -11.70
CA ARG A 204 -6.85 16.32 -10.75
C ARG A 204 -8.29 16.64 -11.15
N ALA A 205 -8.48 17.06 -12.40
CA ALA A 205 -9.80 17.40 -12.91
C ALA A 205 -10.79 16.25 -12.75
N SER A 206 -10.36 15.02 -13.05
CA SER A 206 -11.21 13.85 -12.86
C SER A 206 -11.77 13.75 -11.43
N ALA A 207 -10.92 14.09 -10.46
CA ALA A 207 -11.24 14.03 -9.02
C ALA A 207 -12.04 15.23 -8.52
N PHE A 208 -11.83 16.39 -9.13
CA PHE A 208 -12.50 17.62 -8.73
C PHE A 208 -13.06 18.31 -9.98
N PRO A 209 -14.07 17.67 -10.64
CA PRO A 209 -14.65 18.19 -11.90
C PRO A 209 -15.18 19.62 -11.87
N THR A 210 -15.60 20.05 -10.68
CA THR A 210 -16.20 21.35 -10.41
C THR A 210 -15.13 22.40 -10.19
N GLU A 211 -13.99 21.97 -9.63
CA GLU A 211 -12.86 22.83 -9.35
C GLU A 211 -12.54 23.71 -10.54
N ASP A 212 -12.23 24.97 -10.29
CA ASP A 212 -11.69 25.80 -11.35
C ASP A 212 -10.16 25.63 -11.42
N PRO A 213 -9.68 25.02 -12.54
CA PRO A 213 -8.27 24.65 -12.68
C PRO A 213 -7.33 25.83 -12.72
N GLN A 214 -7.88 27.03 -12.89
CA GLN A 214 -7.07 28.24 -12.93
C GLN A 214 -6.78 28.71 -11.51
N LYS A 215 -7.35 28.03 -10.53
CA LYS A 215 -7.11 28.31 -9.12
C LYS A 215 -5.97 27.44 -8.57
N LEU A 216 -5.53 26.47 -9.37
CA LEU A 216 -4.39 25.60 -9.03
C LEU A 216 -3.08 26.10 -9.58
N LYS A 217 -1.97 25.70 -8.95
CA LYS A 217 -0.66 25.87 -9.59
C LYS A 217 -0.52 24.87 -10.73
N THR A 218 0.25 25.26 -11.74
CA THR A 218 0.52 24.37 -12.88
C THR A 218 1.71 23.47 -12.55
N PRO A 219 1.91 22.40 -13.36
CA PRO A 219 3.13 21.63 -13.20
C PRO A 219 4.40 22.48 -13.09
N ALA A 220 4.52 23.51 -13.93
CA ALA A 220 5.71 24.37 -13.96
C ALA A 220 5.87 25.27 -12.73
N ASP A 221 4.75 25.62 -12.08
CA ASP A 221 4.79 26.41 -10.85
C ASP A 221 5.48 25.64 -9.71
N ILE A 222 5.37 24.30 -9.76
CA ILE A 222 5.83 23.42 -8.66
C ILE A 222 7.18 22.72 -8.92
N MET A 223 7.88 23.10 -10.00
CA MET A 223 9.12 22.43 -10.42
C MET A 223 10.37 22.66 -9.55
N PRO A 224 10.46 23.76 -8.78
CA PRO A 224 11.64 23.84 -7.89
C PRO A 224 12.01 22.51 -7.19
N LEU A 225 11.09 21.98 -6.38
CA LEU A 225 11.29 20.75 -5.64
C LEU A 225 11.76 19.63 -6.55
N TYR A 226 11.04 19.44 -7.65
CA TYR A 226 11.39 18.48 -8.69
C TYR A 226 12.83 18.60 -9.15
N LEU A 227 13.36 19.82 -9.05
CA LEU A 227 14.68 20.19 -9.52
C LEU A 227 15.66 20.04 -8.34
N TRP A 228 15.33 20.69 -7.23
CA TRP A 228 16.04 20.52 -5.98
C TRP A 228 16.51 19.05 -5.71
N LEU A 229 15.64 18.07 -5.98
CA LEU A 229 15.92 16.68 -5.58
C LEU A 229 16.81 15.89 -6.52
N MET A 230 16.94 16.39 -7.76
CA MET A 230 17.82 15.74 -8.76
C MET A 230 19.20 16.31 -8.82
N GLY A 231 19.46 17.36 -8.05
CA GLY A 231 20.76 18.00 -8.02
C GLY A 231 21.42 18.01 -6.65
N ASP A 232 22.58 18.66 -6.58
CA ASP A 232 23.54 18.50 -5.50
C ASP A 232 23.16 19.19 -4.20
N ASP A 233 22.19 20.09 -4.27
CA ASP A 233 21.81 20.87 -3.11
C ASP A 233 21.06 20.03 -2.07
N SER A 234 20.69 18.82 -2.47
CA SER A 234 19.89 17.92 -1.64
C SER A 234 20.60 16.61 -1.35
N ARG A 235 21.91 16.58 -1.64
CA ARG A 235 22.75 15.37 -1.71
C ARG A 235 22.72 14.44 -0.47
N ARG A 236 22.62 15.03 0.73
CA ARG A 236 22.64 14.27 2.00
C ARG A 236 21.25 13.97 2.58
N LYS A 237 20.19 14.34 1.84
CA LYS A 237 18.80 14.15 2.29
C LYS A 237 18.16 12.96 1.60
N THR A 238 17.55 12.10 2.41
CA THR A 238 16.98 10.82 1.95
C THR A 238 15.93 10.33 2.93
N GLY A 239 15.04 9.45 2.48
CA GLY A 239 14.03 8.87 3.35
C GLY A 239 12.84 9.76 3.67
N MET A 240 12.70 10.87 2.95
CA MET A 240 11.69 11.88 3.27
C MET A 240 10.65 12.15 2.17
N THR A 241 9.46 12.57 2.58
CA THR A 241 8.46 13.03 1.64
C THR A 241 8.46 14.55 1.68
N PHE A 242 8.50 15.18 0.51
CA PHE A 242 8.56 16.63 0.42
C PHE A 242 7.29 17.14 -0.29
N ASP A 243 6.74 18.24 0.20
CA ASP A 243 5.59 18.89 -0.45
C ASP A 243 6.07 19.92 -1.46
N ALA A 244 5.64 19.78 -2.70
CA ALA A 244 5.88 20.85 -3.67
C ALA A 244 5.14 22.14 -3.30
N GLN A 245 4.03 22.01 -2.57
CA GLN A 245 3.24 23.16 -2.10
C GLN A 245 2.99 23.13 -0.59
N PRO A 246 3.94 23.63 0.23
CA PRO A 246 3.71 23.60 1.69
C PRO A 246 2.43 24.36 2.09
N GLY A 247 1.32 23.62 2.15
CA GLY A 247 0.00 24.18 2.37
C GLY A 247 -0.99 23.57 1.38
N PRO B 7 -11.28 -6.82 32.28
CA PRO B 7 -12.32 -7.20 31.33
C PRO B 7 -13.09 -8.41 31.85
N LYS B 8 -14.40 -8.26 31.98
CA LYS B 8 -15.29 -9.28 32.54
C LYS B 8 -15.54 -10.41 31.54
N GLN B 9 -15.76 -11.62 32.06
CA GLN B 9 -15.85 -12.82 31.23
C GLN B 9 -17.02 -12.84 30.23
N ASP B 10 -17.95 -11.90 30.38
CA ASP B 10 -19.09 -11.88 29.47
C ASP B 10 -19.10 -10.64 28.56
N LEU B 11 -17.96 -9.96 28.50
CA LEU B 11 -17.74 -8.80 27.63
C LEU B 11 -18.39 -8.92 26.25
N LEU B 12 -18.33 -10.09 25.63
CA LEU B 12 -18.79 -10.25 24.24
C LEU B 12 -20.00 -11.17 24.07
N ASN B 13 -20.78 -11.32 25.15
CA ASN B 13 -22.04 -12.05 25.09
C ASN B 13 -22.96 -11.52 23.99
N ASP B 14 -23.49 -12.43 23.18
CA ASP B 14 -24.36 -12.09 22.06
C ASP B 14 -23.76 -11.00 21.16
N ARG B 15 -22.45 -11.10 20.91
CA ARG B 15 -21.81 -10.31 19.86
CA ARG B 15 -21.82 -10.32 19.85
C ARG B 15 -21.38 -11.32 18.80
N ILE B 16 -21.56 -10.96 17.53
CA ILE B 16 -21.19 -11.83 16.42
C ILE B 16 -19.87 -11.31 15.84
N ILE B 17 -18.82 -12.14 15.98
CA ILE B 17 -17.44 -11.76 15.60
C ILE B 17 -16.78 -12.77 14.64
N LEU B 18 -16.38 -12.26 13.48
CA LEU B 18 -15.76 -13.05 12.44
C LEU B 18 -14.26 -12.80 12.51
N VAL B 19 -13.46 -13.84 12.31
CA VAL B 19 -12.01 -13.72 12.45
C VAL B 19 -11.31 -14.45 11.31
N THR B 20 -10.39 -13.76 10.62
CA THR B 20 -9.72 -14.37 9.46
C THR B 20 -8.36 -14.90 9.91
N GLY B 21 -7.87 -15.96 9.28
CA GLY B 21 -6.64 -16.59 9.77
C GLY B 21 -6.92 -17.13 11.16
N ALA B 22 -8.03 -17.85 11.27
CA ALA B 22 -8.44 -18.38 12.54
C ALA B 22 -7.82 -19.74 12.72
N SER B 23 -7.23 -20.25 11.63
CA SER B 23 -6.63 -21.58 11.57
C SER B 23 -5.30 -21.70 12.30
N ASP B 24 -4.63 -20.58 12.49
CA ASP B 24 -3.32 -20.63 13.12
C ASP B 24 -3.02 -19.31 13.78
N GLY B 25 -2.01 -19.31 14.67
CA GLY B 25 -1.43 -18.10 15.28
C GLY B 25 -2.32 -17.15 16.08
N ILE B 26 -2.11 -15.85 15.89
CA ILE B 26 -2.92 -14.80 16.51
C ILE B 26 -4.42 -15.00 16.21
N GLY B 27 -4.76 -15.21 14.95
CA GLY B 27 -6.15 -15.42 14.55
C GLY B 27 -6.78 -16.60 15.27
N ARG B 28 -6.00 -17.66 15.46
CA ARG B 28 -6.44 -18.81 16.20
C ARG B 28 -6.78 -18.42 17.63
N GLU B 29 -5.85 -17.71 18.27
CA GLU B 29 -5.99 -17.29 19.67
C GLU B 29 -7.11 -16.25 19.85
N ALA B 30 -7.22 -15.32 18.89
CA ALA B 30 -8.31 -14.35 18.96
C ALA B 30 -9.66 -15.05 19.05
N ALA B 31 -9.86 -16.06 18.20
CA ALA B 31 -11.12 -16.83 18.13
C ALA B 31 -11.53 -17.50 19.42
N MET B 32 -10.60 -18.26 19.94
CA MET B 32 -10.79 -19.10 21.09
C MET B 32 -11.21 -18.18 22.26
N THR B 33 -10.47 -17.09 22.42
CA THR B 33 -10.65 -16.03 23.43
C THR B 33 -11.93 -15.21 23.35
N TYR B 34 -12.27 -14.78 22.13
CA TYR B 34 -13.49 -14.04 21.90
C TYR B 34 -14.58 -14.96 22.33
N ALA B 35 -14.43 -16.21 21.92
CA ALA B 35 -15.34 -17.31 22.31
C ALA B 35 -15.43 -17.52 23.84
N ARG B 36 -14.31 -17.38 24.54
CA ARG B 36 -14.30 -17.60 26.00
C ARG B 36 -14.94 -16.39 26.69
N TYR B 37 -14.91 -15.26 26.00
CA TYR B 37 -15.57 -14.06 26.45
C TYR B 37 -17.03 -13.96 26.01
N GLY B 38 -17.53 -15.03 25.40
CA GLY B 38 -18.98 -15.18 25.17
C GLY B 38 -19.45 -14.80 23.79
N ALA B 39 -18.51 -14.66 22.86
CA ALA B 39 -18.84 -14.23 21.53
C ALA B 39 -19.32 -15.40 20.69
N THR B 40 -20.17 -15.09 19.72
CA THR B 40 -20.44 -16.02 18.65
C THR B 40 -19.36 -15.75 17.63
N VAL B 41 -18.40 -16.67 17.53
CA VAL B 41 -17.28 -16.45 16.65
C VAL B 41 -17.50 -17.17 15.35
N ILE B 42 -17.02 -16.55 14.28
CA ILE B 42 -17.10 -17.12 12.96
C ILE B 42 -15.66 -17.27 12.47
N LEU B 43 -15.30 -18.42 11.89
CA LEU B 43 -13.91 -18.65 11.54
C LEU B 43 -13.74 -18.68 10.03
N LEU B 44 -12.74 -17.96 9.54
CA LEU B 44 -12.40 -18.02 8.12
C LEU B 44 -10.97 -18.48 7.97
N GLY B 45 -10.70 -19.23 6.90
CA GLY B 45 -9.38 -19.72 6.60
C GLY B 45 -9.45 -20.30 5.22
N ARG B 46 -8.38 -20.98 4.82
CA ARG B 46 -8.33 -21.66 3.55
C ARG B 46 -8.18 -23.18 3.74
N ASN B 47 -8.01 -23.62 4.99
CA ASN B 47 -7.79 -25.06 5.32
C ASN B 47 -8.91 -25.63 6.18
N GLU B 48 -9.73 -26.47 5.54
CA GLU B 48 -10.87 -27.16 6.13
C GLU B 48 -10.44 -28.02 7.30
N GLU B 49 -9.34 -28.75 7.13
CA GLU B 49 -8.90 -29.65 8.19
C GLU B 49 -8.40 -28.90 9.42
N LYS B 50 -7.68 -27.79 9.21
CA LYS B 50 -7.22 -26.95 10.30
C LYS B 50 -8.35 -26.20 11.02
N LEU B 51 -9.37 -25.79 10.28
CA LEU B 51 -10.45 -25.01 10.84
C LEU B 51 -11.37 -25.88 11.65
N ARG B 52 -11.53 -27.12 11.20
CA ARG B 52 -12.29 -28.15 11.91
C ARG B 52 -11.71 -28.38 13.29
N GLN B 53 -10.37 -28.43 13.38
CA GLN B 53 -9.65 -28.61 14.64
C GLN B 53 -9.80 -27.40 15.57
N VAL B 54 -9.64 -26.19 15.02
CA VAL B 54 -9.87 -24.99 15.80
C VAL B 54 -11.32 -25.00 16.32
N ALA B 55 -12.25 -25.27 15.41
CA ALA B 55 -13.68 -25.36 15.72
C ALA B 55 -13.91 -26.34 16.86
N SER B 56 -13.33 -27.53 16.70
CA SER B 56 -13.39 -28.60 17.69
C SER B 56 -12.91 -28.17 19.08
N HIS B 57 -11.77 -27.46 19.11
CA HIS B 57 -11.10 -27.05 20.37
C HIS B 57 -11.89 -25.96 21.11
N ILE B 58 -12.41 -25.00 20.36
CA ILE B 58 -13.36 -24.01 20.88
C ILE B 58 -14.60 -24.68 21.44
N ASN B 59 -15.12 -25.66 20.71
CA ASN B 59 -16.23 -26.45 21.19
C ASN B 59 -15.91 -27.12 22.54
N GLU B 60 -14.75 -27.76 22.65
CA GLU B 60 -14.37 -28.41 23.92
C GLU B 60 -14.17 -27.37 25.02
N GLU B 61 -13.59 -26.22 24.65
CA GLU B 61 -13.39 -25.10 25.55
C GLU B 61 -14.73 -24.62 26.12
N THR B 62 -15.56 -24.03 25.26
CA THR B 62 -16.69 -23.21 25.67
C THR B 62 -18.05 -23.88 25.58
N GLY B 63 -18.16 -24.98 24.83
CA GLY B 63 -19.43 -25.67 24.70
C GLY B 63 -20.21 -25.35 23.44
N ARG B 64 -19.82 -24.27 22.77
CA ARG B 64 -20.42 -23.90 21.48
C ARG B 64 -19.49 -24.20 20.30
N GLN B 65 -20.06 -24.82 19.29
CA GLN B 65 -19.35 -25.20 18.08
C GLN B 65 -19.45 -24.05 17.05
N PRO B 66 -18.35 -23.27 16.89
CA PRO B 66 -18.37 -22.14 15.97
C PRO B 66 -18.32 -22.59 14.51
N GLN B 67 -18.97 -21.81 13.65
CA GLN B 67 -18.90 -22.10 12.21
C GLN B 67 -17.58 -21.63 11.67
N TRP B 68 -17.11 -22.34 10.64
CA TRP B 68 -16.01 -21.91 9.80
C TRP B 68 -16.47 -21.83 8.34
N PHE B 69 -15.97 -20.84 7.60
CA PHE B 69 -16.20 -20.75 6.16
C PHE B 69 -14.86 -20.73 5.41
N ILE B 70 -14.84 -21.28 4.22
CA ILE B 70 -13.62 -21.36 3.44
C ILE B 70 -13.57 -20.23 2.42
N LEU B 71 -12.45 -19.51 2.47
CA LEU B 71 -12.08 -18.51 1.50
C LEU B 71 -10.57 -18.38 1.33
N ASP B 72 -10.04 -18.90 0.23
CA ASP B 72 -8.63 -18.69 -0.05
C ASP B 72 -8.48 -17.28 -0.60
N LEU B 73 -7.67 -16.48 0.07
CA LEU B 73 -7.59 -15.05 -0.19
C LEU B 73 -6.64 -14.68 -1.31
N LEU B 74 -5.90 -15.67 -1.78
CA LEU B 74 -4.95 -15.52 -2.85
C LEU B 74 -5.69 -15.55 -4.18
N THR B 75 -6.70 -16.40 -4.26
CA THR B 75 -7.34 -16.74 -5.51
C THR B 75 -8.78 -16.22 -5.56
N CYS B 76 -9.34 -15.92 -4.38
CA CYS B 76 -10.71 -15.43 -4.23
C CYS B 76 -11.02 -14.17 -5.05
N THR B 77 -12.23 -14.12 -5.60
CA THR B 77 -12.70 -12.94 -6.34
C THR B 77 -13.69 -12.12 -5.51
N SER B 78 -14.21 -11.05 -6.11
CA SER B 78 -15.28 -10.27 -5.53
C SER B 78 -16.57 -11.09 -5.42
N GLU B 79 -16.86 -11.89 -6.44
CA GLU B 79 -18.05 -12.77 -6.46
C GLU B 79 -18.01 -13.74 -5.28
N ASP B 80 -16.88 -14.45 -5.10
CA ASP B 80 -16.70 -15.40 -3.99
C ASP B 80 -16.87 -14.73 -2.65
N CYS B 81 -16.22 -13.58 -2.48
CA CYS B 81 -16.36 -12.75 -1.28
C CYS B 81 -17.83 -12.35 -1.06
N GLN B 82 -18.45 -11.78 -2.09
CA GLN B 82 -19.89 -11.46 -2.05
C GLN B 82 -20.70 -12.72 -1.78
N GLN B 83 -20.40 -13.82 -2.49
CA GLN B 83 -21.00 -15.11 -2.09
C GLN B 83 -20.77 -15.48 -0.61
N LEU B 84 -19.57 -15.26 -0.08
CA LEU B 84 -19.34 -15.54 1.34
C LEU B 84 -20.24 -14.70 2.23
N ALA B 85 -20.37 -13.41 1.93
CA ALA B 85 -21.35 -12.55 2.64
C ALA B 85 -22.74 -13.17 2.65
N GLN B 86 -23.21 -13.64 1.49
CA GLN B 86 -24.49 -14.36 1.37
C GLN B 86 -24.67 -15.49 2.40
N ARG B 87 -23.70 -16.40 2.50
CA ARG B 87 -23.75 -17.58 3.41
C ARG B 87 -23.74 -17.19 4.89
N ILE B 88 -23.11 -16.05 5.18
CA ILE B 88 -23.09 -15.53 6.54
C ILE B 88 -24.45 -14.89 6.91
N ALA B 89 -25.05 -14.15 5.99
CA ALA B 89 -26.40 -13.64 6.19
C ALA B 89 -27.43 -14.75 6.41
N VAL B 90 -27.23 -15.91 5.79
CA VAL B 90 -28.11 -17.06 6.03
C VAL B 90 -28.28 -17.31 7.52
N ASN B 91 -27.15 -17.40 8.24
CA ASN B 91 -27.16 -17.79 9.65
C ASN B 91 -27.13 -16.65 10.67
N TYR B 92 -26.68 -15.46 10.28
CA TYR B 92 -26.47 -14.38 11.25
C TYR B 92 -27.12 -13.09 10.76
N PRO B 93 -27.80 -12.35 11.67
CA PRO B 93 -28.50 -11.10 11.37
C PRO B 93 -27.58 -9.91 11.09
N ARG B 94 -26.31 -10.04 11.48
CA ARG B 94 -25.36 -8.93 11.55
C ARG B 94 -23.95 -9.46 11.83
N LEU B 95 -22.95 -8.58 11.70
CA LEU B 95 -21.64 -8.84 12.30
C LEU B 95 -21.42 -7.65 13.19
N ASP B 96 -20.87 -7.91 14.38
CA ASP B 96 -20.54 -6.86 15.35
C ASP B 96 -19.08 -6.55 15.27
N GLY B 97 -18.28 -7.57 14.93
CA GLY B 97 -16.84 -7.43 14.76
C GLY B 97 -16.27 -8.21 13.58
N VAL B 98 -15.30 -7.62 12.90
CA VAL B 98 -14.57 -8.37 11.87
C VAL B 98 -13.12 -8.09 12.18
N LEU B 99 -12.37 -9.15 12.47
CA LEU B 99 -10.92 -9.02 12.63
C LEU B 99 -10.30 -9.56 11.35
N HIS B 100 -9.66 -8.68 10.59
CA HIS B 100 -8.86 -9.04 9.45
C HIS B 100 -7.47 -9.35 9.96
N ASN B 101 -7.18 -10.63 10.09
CA ASN B 101 -5.94 -11.00 10.72
C ASN B 101 -5.10 -11.78 9.74
N ALA B 102 -5.74 -12.49 8.82
CA ALA B 102 -5.01 -13.21 7.77
C ALA B 102 -4.00 -12.29 7.08
N GLY B 103 -2.96 -12.90 6.53
CA GLY B 103 -1.83 -12.12 6.04
C GLY B 103 -0.71 -13.06 5.64
N LEU B 104 -0.01 -12.69 4.57
CA LEU B 104 1.11 -13.44 4.04
C LEU B 104 2.37 -12.57 4.19
N LEU B 105 3.43 -13.12 4.81
CA LEU B 105 4.68 -12.37 5.01
C LEU B 105 5.50 -12.16 3.71
N GLY B 106 5.53 -13.19 2.87
CA GLY B 106 6.32 -13.17 1.64
C GLY B 106 7.82 -13.18 1.85
N ASP B 107 8.53 -12.38 1.06
CA ASP B 107 10.00 -12.40 1.01
C ASP B 107 10.55 -11.42 1.99
N VAL B 108 11.53 -11.88 2.76
CA VAL B 108 12.28 -11.00 3.64
C VAL B 108 13.69 -10.96 3.13
N CYS B 109 13.97 -9.94 2.34
CA CYS B 109 15.27 -9.77 1.73
C CYS B 109 15.28 -8.38 1.12
N PRO B 110 16.46 -7.91 0.69
CA PRO B 110 16.69 -6.66 -0.03
C PRO B 110 15.74 -6.47 -1.20
N MET B 111 15.39 -5.21 -1.46
CA MET B 111 14.47 -4.88 -2.54
C MET B 111 14.91 -5.45 -3.89
N SER B 112 16.23 -5.51 -4.09
CA SER B 112 16.82 -6.09 -5.29
C SER B 112 16.62 -7.60 -5.41
N GLU B 113 16.43 -8.27 -4.29
CA GLU B 113 16.21 -9.71 -4.30
C GLU B 113 14.73 -10.11 -4.31
N GLN B 114 13.88 -9.25 -3.75
CA GLN B 114 12.44 -9.52 -3.61
C GLN B 114 11.86 -10.12 -4.89
N ASP B 115 11.18 -11.26 -4.76
CA ASP B 115 10.57 -11.94 -5.89
C ASP B 115 9.22 -11.31 -6.27
N PRO B 116 9.02 -11.05 -7.57
CA PRO B 116 7.84 -10.25 -7.96
C PRO B 116 6.52 -10.99 -7.90
N GLN B 117 6.55 -12.32 -7.90
CA GLN B 117 5.31 -13.07 -7.78
C GLN B 117 4.92 -13.17 -6.31
N VAL B 118 5.91 -13.34 -5.43
CA VAL B 118 5.61 -13.35 -4.00
C VAL B 118 5.12 -11.96 -3.62
N TRP B 119 5.67 -10.95 -4.27
CA TRP B 119 5.30 -9.59 -4.02
C TRP B 119 3.82 -9.32 -4.40
N GLN B 120 3.38 -9.84 -5.54
CA GLN B 120 2.02 -9.71 -6.04
C GLN B 120 1.05 -10.66 -5.32
N ASP B 121 1.60 -11.65 -4.62
CA ASP B 121 0.86 -12.52 -3.70
C ASP B 121 0.60 -11.78 -2.40
N VAL B 122 1.62 -11.09 -1.90
CA VAL B 122 1.50 -10.30 -0.68
C VAL B 122 0.42 -9.20 -0.77
N MET B 123 0.44 -8.39 -1.83
CA MET B 123 -0.55 -7.30 -1.98
C MET B 123 -1.91 -7.84 -2.32
N GLN B 124 -1.97 -9.01 -2.95
CA GLN B 124 -3.23 -9.70 -3.16
C GLN B 124 -3.96 -10.08 -1.85
N VAL B 125 -3.23 -10.68 -0.91
CA VAL B 125 -3.77 -11.27 0.33
C VAL B 125 -3.94 -10.20 1.41
N ASN B 126 -2.95 -9.31 1.55
CA ASN B 126 -2.93 -8.30 2.61
C ASN B 126 -3.74 -7.03 2.28
N VAL B 127 -3.91 -6.73 1.01
CA VAL B 127 -4.61 -5.50 0.58
C VAL B 127 -5.86 -5.83 -0.22
N ASN B 128 -5.70 -6.40 -1.42
CA ASN B 128 -6.84 -6.58 -2.32
C ASN B 128 -7.93 -7.47 -1.78
N ALA B 129 -7.58 -8.71 -1.49
CA ALA B 129 -8.58 -9.67 -1.04
C ALA B 129 -9.22 -9.22 0.24
N THR B 130 -8.42 -8.49 1.04
CA THR B 130 -8.88 -7.86 2.27
C THR B 130 -9.75 -6.62 2.00
N PHE B 131 -9.40 -5.86 0.98
CA PHE B 131 -10.28 -4.83 0.49
C PHE B 131 -11.58 -5.44 0.04
N MET B 132 -11.50 -6.46 -0.81
CA MET B 132 -12.72 -7.00 -1.43
C MET B 132 -13.65 -7.56 -0.37
N LEU B 133 -13.09 -8.37 0.52
CA LEU B 133 -13.85 -9.01 1.56
C LEU B 133 -14.46 -8.03 2.55
N THR B 134 -13.76 -6.95 2.87
CA THR B 134 -14.35 -5.92 3.70
C THR B 134 -15.60 -5.35 3.01
N GLN B 135 -15.46 -5.06 1.72
CA GLN B 135 -16.54 -4.46 0.91
C GLN B 135 -17.81 -5.31 1.01
N ALA B 136 -17.64 -6.64 1.03
CA ALA B 136 -18.79 -7.55 1.12
C ALA B 136 -19.42 -7.66 2.49
N LEU B 137 -18.67 -7.35 3.55
CA LEU B 137 -19.12 -7.61 4.91
C LEU B 137 -19.67 -6.36 5.59
N LEU B 138 -19.44 -5.21 4.96
CA LEU B 138 -19.89 -3.93 5.49
C LEU B 138 -21.41 -3.84 5.71
N PRO B 139 -22.22 -4.40 4.80
CA PRO B 139 -23.65 -4.38 5.15
C PRO B 139 -23.95 -5.11 6.47
N LEU B 140 -23.28 -6.23 6.74
CA LEU B 140 -23.58 -6.95 7.97
C LEU B 140 -23.04 -6.21 9.18
N LEU B 141 -21.91 -5.53 9.02
CA LEU B 141 -21.35 -4.71 10.10
C LEU B 141 -22.18 -3.48 10.41
N LEU B 142 -22.88 -2.96 9.41
CA LEU B 142 -23.68 -1.77 9.64
C LEU B 142 -24.97 -2.11 10.38
N LYS B 143 -25.45 -3.33 10.21
CA LYS B 143 -26.66 -3.81 10.86
C LYS B 143 -26.45 -4.08 12.35
N SER B 144 -25.24 -3.85 12.84
CA SER B 144 -24.95 -3.98 14.26
C SER B 144 -25.06 -2.62 14.93
N ASP B 145 -25.27 -2.66 16.25
CA ASP B 145 -25.47 -1.48 17.06
C ASP B 145 -24.20 -0.62 17.17
N ALA B 146 -23.04 -1.28 17.19
CA ALA B 146 -21.76 -0.60 17.10
C ALA B 146 -20.75 -1.57 16.50
N GLY B 147 -20.55 -1.48 15.18
CA GLY B 147 -19.76 -2.47 14.45
C GLY B 147 -18.29 -2.15 14.59
N SER B 148 -17.45 -3.19 14.69
CA SER B 148 -16.00 -2.99 14.86
C SER B 148 -15.22 -3.78 13.82
N LEU B 149 -14.54 -3.04 12.93
CA LEU B 149 -13.71 -3.58 11.88
C LEU B 149 -12.27 -3.28 12.29
N VAL B 150 -11.40 -4.28 12.21
CA VAL B 150 -10.03 -4.14 12.70
C VAL B 150 -9.10 -4.70 11.65
N PHE B 151 -8.08 -3.92 11.35
CA PHE B 151 -7.00 -4.40 10.54
C PHE B 151 -5.79 -4.69 11.42
N THR B 152 -5.00 -5.64 10.95
CA THR B 152 -3.76 -5.96 11.57
C THR B 152 -2.64 -5.32 10.79
N SER B 153 -1.87 -4.52 11.50
CA SER B 153 -0.75 -3.88 10.87
C SER B 153 0.53 -4.56 11.35
N SER B 154 1.61 -3.80 11.39
CA SER B 154 2.91 -4.23 11.89
C SER B 154 3.63 -2.90 11.99
N SER B 155 4.82 -2.89 12.60
CA SER B 155 5.58 -1.65 12.72
C SER B 155 6.27 -1.23 11.40
N VAL B 156 6.42 -2.17 10.47
CA VAL B 156 6.91 -1.77 9.14
C VAL B 156 5.74 -1.20 8.31
N GLY B 157 4.53 -1.26 8.89
CA GLY B 157 3.35 -0.57 8.36
C GLY B 157 3.32 0.89 8.75
N ARG B 158 4.19 1.29 9.67
CA ARG B 158 4.34 2.67 10.07
C ARG B 158 5.66 3.26 9.63
N GLN B 159 6.71 2.44 9.60
CA GLN B 159 8.04 2.92 9.23
C GLN B 159 8.84 1.83 8.55
N GLY B 160 9.00 1.96 7.25
CA GLY B 160 9.66 0.95 6.43
C GLY B 160 11.09 0.75 6.87
N ARG B 161 11.43 -0.46 7.28
CA ARG B 161 12.83 -0.81 7.49
C ARG B 161 13.30 -1.69 6.35
N ALA B 162 14.63 -1.79 6.18
CA ALA B 162 15.25 -2.57 5.10
C ALA B 162 14.82 -4.01 5.18
N ASN B 163 14.64 -4.61 4.01
CA ASN B 163 14.43 -6.04 3.81
C ASN B 163 13.01 -6.56 4.01
N TRP B 164 12.12 -5.69 4.46
CA TRP B 164 10.74 -6.08 4.72
C TRP B 164 9.85 -6.04 3.47
N GLY B 165 10.29 -5.30 2.46
CA GLY B 165 9.72 -5.36 1.12
C GLY B 165 8.21 -5.31 0.97
N ALA B 166 7.67 -6.41 0.45
CA ALA B 166 6.29 -6.50 0.05
C ALA B 166 5.40 -6.48 1.27
N TYR B 167 5.85 -7.11 2.35
CA TYR B 167 5.09 -7.13 3.61
C TYR B 167 4.78 -5.70 3.98
N ALA B 168 5.87 -4.93 4.17
CA ALA B 168 5.82 -3.53 4.56
C ALA B 168 4.94 -2.58 3.71
N ALA B 169 5.08 -2.65 2.39
CA ALA B 169 4.34 -1.79 1.50
C ALA B 169 2.86 -2.04 1.74
N SER B 170 2.57 -3.29 2.09
CA SER B 170 1.22 -3.82 2.17
C SER B 170 0.58 -3.55 3.55
N LYS B 171 1.42 -3.24 4.54
CA LYS B 171 0.96 -2.84 5.89
C LYS B 171 0.76 -1.34 5.92
N PHE B 172 1.52 -0.63 5.11
CA PHE B 172 1.29 0.80 4.86
C PHE B 172 -0.09 1.00 4.24
N ALA B 173 -0.35 0.22 3.19
CA ALA B 173 -1.63 0.18 2.50
C ALA B 173 -2.74 -0.23 3.45
N THR B 174 -2.48 -1.20 4.32
CA THR B 174 -3.47 -1.58 5.32
C THR B 174 -3.90 -0.39 6.18
N GLU B 175 -2.93 0.48 6.49
CA GLU B 175 -3.10 1.62 7.39
C GLU B 175 -3.86 2.78 6.76
N GLY B 176 -3.61 3.00 5.47
CA GLY B 176 -4.34 4.03 4.71
C GLY B 176 -5.74 3.55 4.40
N MET B 177 -5.83 2.29 3.98
CA MET B 177 -7.11 1.63 3.78
C MET B 177 -7.98 1.74 5.03
N MET B 178 -7.38 1.51 6.19
CA MET B 178 -8.06 1.68 7.46
C MET B 178 -8.51 3.14 7.66
N GLN B 179 -7.66 4.09 7.25
CA GLN B 179 -7.97 5.49 7.53
C GLN B 179 -9.01 6.09 6.60
N VAL B 180 -9.06 5.62 5.36
CA VAL B 180 -10.13 5.99 4.41
C VAL B 180 -11.48 5.54 4.97
N LEU B 181 -11.57 4.25 5.26
CA LEU B 181 -12.72 3.59 5.85
C LEU B 181 -13.28 4.22 7.14
N ALA B 182 -12.38 4.54 8.08
CA ALA B 182 -12.75 5.14 9.35
C ALA B 182 -13.37 6.49 9.15
N ASP B 183 -12.87 7.20 8.15
CA ASP B 183 -13.32 8.55 7.82
C ASP B 183 -14.69 8.47 7.15
N GLU B 184 -14.91 7.45 6.31
CA GLU B 184 -16.22 7.17 5.70
C GLU B 184 -17.28 6.62 6.67
N TYR B 185 -16.86 6.09 7.81
CA TYR B 185 -17.81 5.42 8.71
C TYR B 185 -17.83 6.07 10.08
N GLN B 186 -17.29 7.29 10.12
CA GLN B 186 -17.37 8.13 11.29
C GLN B 186 -18.79 8.05 11.86
N GLN B 187 -18.87 7.82 13.16
CA GLN B 187 -20.15 7.64 13.89
C GLN B 187 -21.10 6.55 13.34
N ARG B 188 -20.67 5.83 12.32
CA ARG B 188 -21.38 4.59 11.97
C ARG B 188 -20.60 3.33 12.44
N LEU B 189 -19.29 3.31 12.23
CA LEU B 189 -18.46 2.13 12.55
C LEU B 189 -17.20 2.53 13.33
N ARG B 190 -16.70 1.63 14.17
CA ARG B 190 -15.33 1.73 14.69
C ARG B 190 -14.43 1.10 13.63
N VAL B 191 -13.32 1.71 13.27
CA VAL B 191 -12.46 1.08 12.27
C VAL B 191 -11.04 1.35 12.70
N ASN B 192 -10.29 0.30 13.04
CA ASN B 192 -9.00 0.53 13.65
C ASN B 192 -7.93 -0.43 13.13
N CYS B 193 -6.70 -0.24 13.61
CA CYS B 193 -5.65 -1.21 13.32
C CYS B 193 -5.08 -1.61 14.62
N ILE B 194 -4.66 -2.88 14.70
CA ILE B 194 -3.79 -3.34 15.75
C ILE B 194 -2.40 -3.68 15.19
N ASN B 195 -1.38 -3.13 15.82
CA ASN B 195 -0.04 -3.66 15.67
C ASN B 195 0.21 -4.66 16.84
N PRO B 196 0.25 -5.98 16.56
CA PRO B 196 0.54 -6.96 17.61
C PRO B 196 1.95 -6.80 18.18
N GLY B 197 2.88 -6.41 17.33
CA GLY B 197 4.30 -6.48 17.65
C GLY B 197 4.68 -7.94 17.65
N GLY B 198 5.96 -8.21 17.90
CA GLY B 198 6.47 -9.57 17.73
C GLY B 198 5.80 -10.53 18.69
N THR B 199 5.36 -11.66 18.15
CA THR B 199 4.53 -12.59 18.85
C THR B 199 4.92 -13.98 18.46
N ARG B 200 4.79 -14.92 19.41
CA ARG B 200 5.16 -16.31 19.21
C ARG B 200 4.29 -17.01 18.15
N THR B 201 4.67 -16.84 16.89
CA THR B 201 3.97 -17.47 15.77
C THR B 201 5.00 -18.00 14.80
N ALA B 202 4.56 -18.78 13.82
CA ALA B 202 5.48 -19.26 12.78
C ALA B 202 5.72 -18.25 11.67
N MET B 203 5.03 -17.10 11.66
CA MET B 203 5.38 -16.04 10.69
C MET B 203 6.57 -15.26 11.22
N ARG B 204 6.50 -14.95 12.51
CA ARG B 204 7.54 -14.20 13.20
C ARG B 204 8.89 -14.93 13.12
N ALA B 205 8.87 -16.25 13.28
CA ALA B 205 10.06 -17.12 13.26
C ALA B 205 10.74 -17.25 11.89
N SER B 206 9.93 -17.38 10.84
CA SER B 206 10.38 -17.28 9.44
C SER B 206 11.21 -16.03 9.29
N ALA B 207 10.73 -14.95 9.91
CA ALA B 207 11.34 -13.65 9.74
C ALA B 207 12.63 -13.49 10.54
N PHE B 208 12.69 -14.17 11.69
CA PHE B 208 13.79 -14.01 12.64
C PHE B 208 14.31 -15.39 13.07
N PRO B 209 14.96 -16.13 12.17
CA PRO B 209 15.43 -17.51 12.50
C PRO B 209 16.13 -17.65 13.87
N THR B 210 16.84 -16.61 14.28
CA THR B 210 17.71 -16.66 15.47
C THR B 210 16.99 -16.28 16.74
N GLU B 211 15.92 -15.51 16.60
CA GLU B 211 15.19 -15.04 17.76
C GLU B 211 14.63 -16.22 18.56
N ASP B 212 14.73 -16.12 19.88
CA ASP B 212 14.20 -17.15 20.77
C ASP B 212 12.69 -16.91 20.98
N PRO B 213 11.83 -17.85 20.52
CA PRO B 213 10.39 -17.55 20.63
C PRO B 213 9.88 -17.54 22.08
N GLN B 214 10.47 -18.35 22.96
CA GLN B 214 9.99 -18.41 24.34
C GLN B 214 10.13 -17.08 25.08
N LYS B 215 10.96 -16.16 24.55
CA LYS B 215 11.14 -14.84 25.15
C LYS B 215 10.17 -13.82 24.54
N LEU B 216 9.31 -14.33 23.66
CA LEU B 216 8.18 -13.58 23.16
C LEU B 216 6.90 -13.86 23.91
N LYS B 217 6.11 -12.82 24.01
CA LYS B 217 4.72 -12.90 24.42
C LYS B 217 3.99 -13.77 23.43
N THR B 218 3.05 -14.55 23.93
CA THR B 218 2.25 -15.40 23.10
C THR B 218 1.07 -14.60 22.60
N PRO B 219 0.36 -15.11 21.57
CA PRO B 219 -0.88 -14.46 21.14
C PRO B 219 -1.81 -14.22 22.32
N ALA B 220 -1.93 -15.22 23.19
CA ALA B 220 -2.65 -15.16 24.47
C ALA B 220 -2.32 -13.93 25.30
N ASP B 221 -1.04 -13.60 25.40
CA ASP B 221 -0.59 -12.53 26.29
C ASP B 221 -0.98 -11.18 25.75
N ILE B 222 -1.16 -11.12 24.43
CA ILE B 222 -1.37 -9.84 23.78
C ILE B 222 -2.86 -9.56 23.56
N MET B 223 -3.72 -10.39 24.16
CA MET B 223 -5.14 -10.32 23.86
C MET B 223 -5.93 -9.19 24.48
N PRO B 224 -5.47 -8.62 25.61
CA PRO B 224 -6.25 -7.52 26.14
C PRO B 224 -6.69 -6.48 25.10
N LEU B 225 -5.83 -6.18 24.11
CA LEU B 225 -6.16 -5.17 23.12
C LEU B 225 -7.19 -5.72 22.13
N TYR B 226 -7.07 -7.00 21.78
CA TYR B 226 -8.00 -7.65 20.86
C TYR B 226 -9.42 -7.67 21.41
N LEU B 227 -9.56 -7.67 22.73
CA LEU B 227 -10.88 -7.70 23.36
C LEU B 227 -11.42 -6.30 23.55
N TRP B 228 -10.54 -5.40 23.98
CA TRP B 228 -10.85 -4.00 24.10
C TRP B 228 -11.41 -3.40 22.80
N LEU B 229 -10.85 -3.78 21.65
CA LEU B 229 -11.34 -3.25 20.36
C LEU B 229 -12.66 -3.89 19.90
N MET B 230 -12.96 -5.08 20.41
CA MET B 230 -14.29 -5.62 20.14
C MET B 230 -15.34 -5.26 21.18
N GLY B 231 -14.93 -4.69 22.32
CA GLY B 231 -15.86 -4.51 23.45
C GLY B 231 -16.34 -3.08 23.62
N ASP B 232 -17.16 -2.83 24.63
CA ASP B 232 -17.89 -1.55 24.71
C ASP B 232 -17.05 -0.35 25.10
N ASP B 233 -15.90 -0.61 25.70
CA ASP B 233 -15.03 0.48 26.14
C ASP B 233 -14.24 1.16 25.01
N SER B 234 -14.29 0.62 23.80
CA SER B 234 -13.64 1.27 22.65
C SER B 234 -14.63 1.94 21.70
N ARG B 235 -15.92 1.85 22.01
CA ARG B 235 -16.98 2.43 21.16
C ARG B 235 -16.61 3.79 20.60
N ARG B 236 -16.00 4.65 21.42
CA ARG B 236 -15.66 6.01 21.00
C ARG B 236 -14.35 6.15 20.20
N LYS B 237 -13.68 5.03 19.94
CA LYS B 237 -12.37 5.04 19.28
C LYS B 237 -12.49 4.57 17.84
N THR B 238 -11.99 5.34 16.88
CA THR B 238 -11.94 4.91 15.46
C THR B 238 -10.80 5.63 14.78
N GLY B 239 -10.34 5.09 13.65
CA GLY B 239 -9.24 5.71 12.87
C GLY B 239 -7.83 5.71 13.47
N MET B 240 -7.57 4.78 14.39
CA MET B 240 -6.29 4.74 15.09
C MET B 240 -5.61 3.39 14.97
N THR B 241 -4.29 3.40 15.18
CA THR B 241 -3.50 2.18 15.18
C THR B 241 -2.98 1.95 16.57
N PHE B 242 -3.40 0.86 17.18
CA PHE B 242 -2.99 0.51 18.53
C PHE B 242 -1.92 -0.56 18.42
N ASP B 243 -0.84 -0.36 19.21
CA ASP B 243 0.25 -1.31 19.46
C ASP B 243 -0.10 -2.25 20.61
N ALA B 244 -0.14 -3.56 20.35
CA ALA B 244 -0.39 -4.49 21.44
C ALA B 244 0.77 -4.48 22.44
N GLN B 245 1.93 -4.01 21.97
CA GLN B 245 3.16 -3.98 22.76
C GLN B 245 3.89 -2.64 22.51
N PRO B 246 3.43 -1.55 23.16
CA PRO B 246 3.87 -0.18 22.88
C PRO B 246 5.36 0.07 23.12
PA NDP C . -1.73 12.64 -15.52
O1A NDP C . -2.05 13.86 -16.30
O2A NDP C . -2.87 11.70 -15.57
O5B NDP C . -0.48 11.77 -16.03
C5B NDP C . -0.17 10.53 -15.43
C4B NDP C . 0.90 9.82 -16.26
O4B NDP C . 1.02 8.44 -15.92
C3B NDP C . 0.56 9.87 -17.74
O3B NDP C . 1.71 10.06 -18.52
C2B NDP C . 0.09 8.48 -18.07
O2B NDP C . 0.37 8.19 -19.42
C1B NDP C . 0.90 7.66 -17.08
N9A NDP C . 0.24 6.38 -16.89
C8A NDP C . -0.98 6.08 -16.34
N7A NDP C . -1.15 4.74 -16.45
C5A NDP C . -0.07 4.19 -17.06
C6A NDP C . 0.25 2.89 -17.43
N6A NDP C . -0.58 1.87 -17.17
N1A NDP C . 1.46 2.65 -18.07
C2A NDP C . 2.33 3.70 -18.34
N3A NDP C . 1.98 4.99 -17.98
C4A NDP C . 0.79 5.21 -17.34
O3 NDP C . -1.49 12.94 -13.98
PN NDP C . -0.63 13.97 -13.13
O1N NDP C . 0.47 14.54 -13.94
O2N NDP C . -1.55 14.73 -12.27
O5D NDP C . 0.01 12.91 -12.13
C5D NDP C . 1.41 12.84 -12.08
C4D NDP C . 1.68 12.11 -10.80
O4D NDP C . 1.39 13.01 -9.77
C3D NDP C . 0.79 10.91 -10.59
O3D NDP C . 1.60 9.94 -10.00
C2D NDP C . -0.21 11.36 -9.56
O2D NDP C . -0.49 10.26 -8.75
C1D NDP C . 0.55 12.39 -8.78
N1N NDP C . -0.26 13.43 -8.12
C2N NDP C . -0.75 14.47 -8.86
C3N NDP C . -1.49 15.49 -8.25
C7N NDP C . -2.36 16.43 -9.09
O7N NDP C . -3.20 17.35 -8.44
N7N NDP C . -2.32 16.37 -10.44
C4N NDP C . -1.66 15.43 -6.88
C5N NDP C . -1.12 14.37 -6.12
C6N NDP C . -0.42 13.37 -6.76
P2B NDP C . -0.58 8.60 -20.69
O1X NDP C . 0.19 8.41 -21.94
O2X NDP C . -1.76 7.67 -20.78
O3X NDP C . -1.00 10.04 -20.72
PA NDP D . 0.49 -17.12 10.88
O1A NDP D . 0.79 -18.10 11.92
O2A NDP D . 1.26 -17.24 9.65
O5B NDP D . -1.08 -17.26 10.50
C5B NDP D . -1.60 -16.37 9.53
C4B NDP D . -3.03 -16.75 9.15
O4B NDP D . -3.32 -16.18 7.89
C3B NDP D . -3.21 -18.25 9.02
O3B NDP D . -4.46 -18.69 9.46
C2B NDP D . -3.24 -18.47 7.53
O2B NDP D . -4.00 -19.59 7.19
C1B NDP D . -3.88 -17.18 7.07
N9A NDP D . -3.55 -17.05 5.65
C8A NDP D . -2.35 -16.79 5.02
N7A NDP D . -2.62 -16.79 3.69
C5A NDP D . -3.93 -17.06 3.46
C6A NDP D . -4.73 -17.17 2.33
N6A NDP D . -4.20 -17.01 1.13
N1A NDP D . -6.08 -17.45 2.48
C2A NDP D . -6.65 -17.62 3.73
N3A NDP D . -5.86 -17.51 4.85
C4A NDP D . -4.54 -17.22 4.71
O3 NDP D . 0.84 -15.65 11.40
PN NDP D . 0.43 -14.66 12.57
O1N NDP D . -0.67 -15.23 13.40
O2N NDP D . 1.68 -14.19 13.21
O5D NDP D . -0.13 -13.41 11.72
C5D NDP D . -1.43 -12.90 11.98
C4D NDP D . -1.47 -11.41 11.68
O4D NDP D . -0.55 -10.67 12.48
C3D NDP D . -1.05 -11.17 10.26
O3D NDP D . -1.75 -10.04 9.77
C2D NDP D . 0.41 -10.84 10.44
O2D NDP D . 0.83 -10.22 9.28
C1D NDP D . 0.31 -9.93 11.65
N1N NDP D . 1.52 -9.69 12.46
C2N NDP D . 2.15 -10.75 13.09
C3N NDP D . 3.26 -10.54 13.89
C7N NDP D . 3.88 -11.65 14.72
O7N NDP D . 5.06 -11.38 15.41
N7N NDP D . 3.32 -12.85 14.77
C4N NDP D . 3.74 -9.24 14.04
C5N NDP D . 3.09 -8.16 13.39
C6N NDP D . 1.95 -8.40 12.62
P2B NDP D . -3.24 -21.02 7.29
O1X NDP D . -4.00 -22.00 8.15
O2X NDP D . -3.15 -21.62 5.92
O3X NDP D . -1.89 -20.80 7.90
#